data_6L6K
#
_entry.id   6L6K
#
_cell.length_a   67.837
_cell.length_b   67.837
_cell.length_c   105.153
_cell.angle_alpha   90.000
_cell.angle_beta   90.000
_cell.angle_gamma   90.000
#
_symmetry.space_group_name_H-M   'P 43 21 2'
#
loop_
_entity.id
_entity.type
_entity.pdbx_description
1 polymer 'Retinoic acid receptor RXR-alpha'
2 polymer 'Nuclear receptor coactivator 1'
3 non-polymer '1-(3,5,5,8,8-pentamethyl-6,7-dihydronaphthalen-2-yl)benzotriazole-5-carboxylic acid'
4 non-polymer 'CALCIUM ION'
5 water water
#
loop_
_entity_poly.entity_id
_entity_poly.type
_entity_poly.pdbx_seq_one_letter_code
_entity_poly.pdbx_strand_id
1 'polypeptide(L)'
;GSSHSSANEDMPVERILEAELAVEPKTETYVEANMGLNPSSPNDPVTNICQAADKQLFTLVEWAKRIPHFSELPLDDQVI
LLRAGWNELLIASFSHRSIAVKDGILLATGLHVHRNSAHSAGVGAIFDRVLTELVSKMRDMQMDKTELGCLRAIVLFNPD
SKGLSNPAEVEALREKVYASLEAYCKHKYPEQPGRFAKLLLRLPALRSIGLKCLEHLFFFKLIGDTPIDTFLMEMLEAPH
QMT
;
A
2 'polypeptide(L)' HKILHRLLQEGS B
#
loop_
_chem_comp.id
_chem_comp.type
_chem_comp.name
_chem_comp.formula
9HF non-polymer '1-(3,5,5,8,8-pentamethyl-6,7-dihydronaphthalen-2-yl)benzotriazole-5-carboxylic acid' 'C22 H25 N3 O2'
CA non-polymer 'CALCIUM ION' 'Ca 2'
#
# COMPACT_ATOMS: atom_id res chain seq x y z
N ASP A 10 1.41 -22.94 1.04
CA ASP A 10 0.37 -22.62 2.01
C ASP A 10 0.46 -21.16 2.45
N MET A 11 -0.68 -20.55 2.78
CA MET A 11 -0.76 -19.10 2.97
C MET A 11 -1.73 -18.77 4.11
N PRO A 12 -1.32 -18.99 5.35
CA PRO A 12 -2.24 -18.78 6.48
C PRO A 12 -2.48 -17.30 6.74
N VAL A 13 -3.76 -16.93 6.86
CA VAL A 13 -4.09 -15.55 7.18
C VAL A 13 -3.49 -15.11 8.50
N GLU A 14 -3.20 -16.06 9.40
CA GLU A 14 -2.60 -15.71 10.69
C GLU A 14 -1.23 -15.06 10.51
N ARG A 15 -0.41 -15.61 9.62
CA ARG A 15 0.91 -15.04 9.39
C ARG A 15 0.81 -13.70 8.67
N ILE A 16 -0.20 -13.52 7.83
CA ILE A 16 -0.38 -12.23 7.16
C ILE A 16 -0.76 -11.15 8.16
N LEU A 17 -1.70 -11.45 9.06
CA LEU A 17 -2.03 -10.52 10.13
C LEU A 17 -0.81 -10.25 11.00
N GLU A 18 0.01 -11.29 11.24
CA GLU A 18 1.22 -11.10 12.03
C GLU A 18 2.14 -10.05 11.40
N ALA A 19 2.29 -10.10 10.07
CA ALA A 19 3.11 -9.11 9.37
C ALA A 19 2.57 -7.70 9.56
N GLU A 20 1.25 -7.52 9.46
CA GLU A 20 0.64 -6.23 9.72
C GLU A 20 0.94 -5.77 11.15
N LEU A 21 0.70 -6.64 12.13
CA LEU A 21 0.90 -6.26 13.52
C LEU A 21 2.36 -5.99 13.83
N ALA A 22 3.26 -6.77 13.21
CA ALA A 22 4.68 -6.61 13.51
C ALA A 22 5.22 -5.25 13.10
N VAL A 23 4.54 -4.55 12.19
CA VAL A 23 5.07 -3.29 11.64
C VAL A 23 4.25 -2.09 12.06
N GLU A 24 3.29 -2.25 12.97
CA GLU A 24 2.41 -1.14 13.33
C GLU A 24 3.13 -0.04 14.10
N ASP A 44 4.62 22.95 4.72
CA ASP A 44 4.16 22.19 3.57
C ASP A 44 3.73 20.80 4.04
N PRO A 45 2.41 20.58 4.15
CA PRO A 45 1.93 19.21 4.42
C PRO A 45 2.45 18.17 3.44
N VAL A 46 2.74 18.58 2.20
CA VAL A 46 3.32 17.62 1.25
C VAL A 46 4.71 17.18 1.70
N THR A 47 5.46 18.08 2.34
CA THR A 47 6.76 17.68 2.89
C THR A 47 6.58 16.69 4.04
N ASN A 48 5.59 16.94 4.92
CA ASN A 48 5.25 15.97 5.96
C ASN A 48 4.87 14.63 5.37
N ILE A 49 4.05 14.64 4.32
CA ILE A 49 3.58 13.40 3.70
C ILE A 49 4.75 12.63 3.11
N CYS A 50 5.66 13.33 2.41
CA CYS A 50 6.81 12.66 1.82
C CYS A 50 7.73 12.09 2.90
N GLN A 51 7.90 12.80 4.01
CA GLN A 51 8.69 12.27 5.11
C GLN A 51 8.09 10.99 5.66
N ALA A 52 6.77 10.98 5.85
CA ALA A 52 6.10 9.78 6.33
C ALA A 52 6.25 8.63 5.33
N ALA A 53 6.15 8.92 4.03
CA ALA A 53 6.29 7.85 3.04
C ALA A 53 7.69 7.26 3.06
N ASP A 54 8.71 8.11 3.15
CA ASP A 54 10.08 7.61 3.21
C ASP A 54 10.29 6.75 4.45
N LYS A 55 9.79 7.21 5.59
CA LYS A 55 9.88 6.41 6.81
C LYS A 55 9.25 5.03 6.60
N GLN A 56 8.06 5.00 6.00
CA GLN A 56 7.34 3.74 5.86
C GLN A 56 7.90 2.84 4.78
N LEU A 57 8.76 3.34 3.88
CA LEU A 57 9.38 2.46 2.90
C LEU A 57 10.31 1.46 3.58
N PHE A 58 11.01 1.90 4.63
CA PHE A 58 11.84 0.97 5.39
C PHE A 58 10.98 -0.10 6.05
N THR A 59 9.88 0.31 6.66
CA THR A 59 8.97 -0.63 7.31
C THR A 59 8.30 -1.56 6.30
N LEU A 60 8.08 -1.08 5.07
CA LEU A 60 7.47 -1.91 4.04
C LEU A 60 8.34 -3.12 3.70
N VAL A 61 9.65 -2.93 3.60
CA VAL A 61 10.54 -4.07 3.34
C VAL A 61 10.41 -5.10 4.46
N GLU A 62 10.36 -4.65 5.71
CA GLU A 62 10.21 -5.59 6.82
C GLU A 62 8.89 -6.33 6.73
N TRP A 63 7.81 -5.61 6.42
CA TRP A 63 6.51 -6.25 6.23
C TRP A 63 6.59 -7.33 5.16
N ALA A 64 7.18 -6.99 4.01
CA ALA A 64 7.21 -7.92 2.90
C ALA A 64 7.95 -9.19 3.25
N LYS A 65 9.07 -9.05 3.99
CA LYS A 65 9.82 -10.23 4.39
C LYS A 65 9.02 -11.18 5.27
N ARG A 66 7.99 -10.67 5.96
CA ARG A 66 7.16 -11.47 6.83
C ARG A 66 5.96 -12.09 6.13
N ILE A 67 5.68 -11.71 4.89
CA ILE A 67 4.62 -12.37 4.11
C ILE A 67 5.15 -13.74 3.64
N PRO A 68 4.43 -14.83 3.91
CA PRO A 68 4.97 -16.15 3.58
C PRO A 68 5.40 -16.26 2.13
N HIS A 69 6.63 -16.73 1.95
CA HIS A 69 7.28 -17.14 0.71
C HIS A 69 7.86 -15.95 -0.07
N PHE A 70 7.60 -14.70 0.33
CA PHE A 70 8.19 -13.57 -0.40
C PHE A 70 9.71 -13.66 -0.41
N SER A 71 10.31 -13.92 0.75
CA SER A 71 11.77 -13.97 0.87
C SER A 71 12.39 -15.09 0.07
N GLU A 72 11.60 -16.09 -0.33
CA GLU A 72 12.10 -17.20 -1.12
C GLU A 72 12.13 -16.90 -2.61
N LEU A 73 11.46 -15.84 -3.07
CA LEU A 73 11.58 -15.45 -4.46
C LEU A 73 13.00 -14.99 -4.76
N PRO A 74 13.42 -15.02 -6.03
CA PRO A 74 14.72 -14.46 -6.38
C PRO A 74 14.82 -13.01 -5.92
N LEU A 75 16.03 -12.61 -5.49
CA LEU A 75 16.21 -11.24 -5.02
C LEU A 75 15.78 -10.23 -6.07
N ASP A 76 16.11 -10.47 -7.35
CA ASP A 76 15.68 -9.58 -8.43
C ASP A 76 14.18 -9.40 -8.46
N ASP A 77 13.43 -10.50 -8.26
CA ASP A 77 11.97 -10.41 -8.30
C ASP A 77 11.42 -9.68 -7.08
N GLN A 78 12.03 -9.90 -5.90
CA GLN A 78 11.58 -9.15 -4.73
C GLN A 78 11.74 -7.65 -4.95
N VAL A 79 12.84 -7.26 -5.59
CA VAL A 79 13.07 -5.85 -5.92
C VAL A 79 11.99 -5.35 -6.87
N ILE A 80 11.70 -6.12 -7.92
CA ILE A 80 10.69 -5.72 -8.91
C ILE A 80 9.33 -5.54 -8.25
N LEU A 81 8.93 -6.49 -7.41
CA LEU A 81 7.59 -6.42 -6.80
C LEU A 81 7.48 -5.22 -5.85
N LEU A 82 8.52 -4.92 -5.08
CA LEU A 82 8.42 -3.80 -4.16
C LEU A 82 8.52 -2.46 -4.90
N ARG A 83 9.33 -2.39 -5.95
CA ARG A 83 9.38 -1.14 -6.71
C ARG A 83 8.07 -0.91 -7.47
N ALA A 84 7.47 -1.98 -7.98
CA ALA A 84 6.20 -1.84 -8.69
C ALA A 84 5.05 -1.53 -7.73
N GLY A 85 5.10 -2.05 -6.51
CA GLY A 85 3.92 -1.97 -5.67
C GLY A 85 3.95 -1.03 -4.48
N TRP A 86 5.09 -0.39 -4.20
CA TRP A 86 5.25 0.31 -2.92
C TRP A 86 4.18 1.38 -2.72
N ASN A 87 3.82 2.13 -3.76
CA ASN A 87 2.88 3.23 -3.56
CA ASN A 87 2.88 3.24 -3.54
C ASN A 87 1.49 2.72 -3.22
N GLU A 88 1.01 1.71 -3.95
CA GLU A 88 -0.29 1.12 -3.59
C GLU A 88 -0.23 0.49 -2.20
N LEU A 89 0.89 -0.15 -1.85
CA LEU A 89 1.00 -0.79 -0.54
C LEU A 89 0.96 0.25 0.58
N LEU A 90 1.65 1.37 0.41
CA LEU A 90 1.64 2.40 1.46
C LEU A 90 0.32 3.14 1.51
N ILE A 91 -0.29 3.42 0.35
CA ILE A 91 -1.60 4.07 0.33
C ILE A 91 -2.65 3.22 1.04
N ALA A 92 -2.65 1.91 0.77
CA ALA A 92 -3.60 1.04 1.47
C ALA A 92 -3.41 1.12 2.98
N SER A 93 -2.16 1.11 3.44
CA SER A 93 -1.89 1.16 4.88
C SER A 93 -2.34 2.47 5.52
N PHE A 94 -1.93 3.62 4.97
CA PHE A 94 -2.29 4.84 5.67
C PHE A 94 -3.79 5.13 5.53
N SER A 95 -4.44 4.66 4.46
CA SER A 95 -5.88 4.83 4.36
C SER A 95 -6.59 4.07 5.47
N HIS A 96 -6.18 2.83 5.70
CA HIS A 96 -6.81 2.04 6.75
C HIS A 96 -6.49 2.58 8.13
N ARG A 97 -5.28 3.10 8.30
CA ARG A 97 -4.91 3.74 9.55
C ARG A 97 -5.79 4.94 9.86
N SER A 98 -6.41 5.54 8.84
CA SER A 98 -7.13 6.80 8.96
C SER A 98 -8.64 6.63 9.15
N ILE A 99 -9.11 5.40 9.38
CA ILE A 99 -10.55 5.15 9.44
C ILE A 99 -11.24 5.97 10.53
N ALA A 100 -10.54 6.24 11.62
CA ALA A 100 -11.13 7.01 12.72
C ALA A 100 -10.77 8.49 12.66
N VAL A 101 -10.21 8.97 11.54
CA VAL A 101 -9.93 10.39 11.35
C VAL A 101 -11.08 11.02 10.59
N LYS A 102 -11.50 12.21 11.00
CA LYS A 102 -12.56 12.92 10.30
C LYS A 102 -11.95 13.76 9.19
N ASP A 103 -12.31 13.46 7.94
CA ASP A 103 -11.92 14.26 6.79
C ASP A 103 -10.40 14.47 6.73
N GLY A 104 -9.66 13.39 6.93
CA GLY A 104 -8.22 13.52 6.90
C GLY A 104 -7.55 12.18 7.02
N ILE A 105 -6.22 12.21 7.08
CA ILE A 105 -5.42 11.00 7.22
C ILE A 105 -4.48 11.16 8.40
N LEU A 106 -4.10 10.02 8.98
CA LEU A 106 -3.11 9.95 10.04
C LEU A 106 -1.79 9.47 9.45
N LEU A 107 -0.74 10.29 9.56
CA LEU A 107 0.57 9.95 9.02
C LEU A 107 1.32 9.03 9.96
N ALA A 108 2.25 8.25 9.39
CA ALA A 108 3.06 7.34 10.21
C ALA A 108 3.88 8.09 11.24
N THR A 109 4.18 9.36 10.96
CA THR A 109 4.96 10.19 11.87
C THR A 109 4.14 10.73 13.03
N GLY A 110 2.84 10.42 13.09
CA GLY A 110 1.98 10.89 14.16
C GLY A 110 1.12 12.09 13.83
N LEU A 111 1.42 12.82 12.75
CA LEU A 111 0.67 14.01 12.40
C LEU A 111 -0.58 13.65 11.60
N HIS A 112 -1.61 14.49 11.73
CA HIS A 112 -2.75 14.48 10.82
C HIS A 112 -2.47 15.39 9.63
N VAL A 113 -3.08 15.06 8.50
CA VAL A 113 -3.29 16.00 7.41
C VAL A 113 -4.79 16.06 7.16
N HIS A 114 -5.39 17.22 7.39
CA HIS A 114 -6.81 17.44 7.13
C HIS A 114 -6.99 17.80 5.66
N ARG A 115 -8.18 17.50 5.11
CA ARG A 115 -8.40 17.78 3.70
C ARG A 115 -8.23 19.27 3.37
N ASN A 116 -8.55 20.18 4.31
CA ASN A 116 -8.33 21.59 4.04
C ASN A 116 -6.85 21.91 3.87
N SER A 117 -6.00 21.29 4.68
CA SER A 117 -4.56 21.49 4.52
C SER A 117 -4.07 20.89 3.21
N ALA A 118 -4.57 19.71 2.85
CA ALA A 118 -4.17 19.13 1.57
C ALA A 118 -4.58 20.02 0.41
N HIS A 119 -5.81 20.54 0.45
CA HIS A 119 -6.25 21.47 -0.58
C HIS A 119 -5.37 22.70 -0.63
N SER A 120 -5.01 23.22 0.55
CA SER A 120 -4.15 24.41 0.68
CA SER A 120 -4.20 24.43 0.57
C SER A 120 -2.75 24.18 0.14
N ALA A 121 -2.36 22.93 -0.08
CA ALA A 121 -1.04 22.61 -0.59
C ALA A 121 -1.04 22.30 -2.07
N GLY A 122 -2.20 22.36 -2.71
CA GLY A 122 -2.30 22.08 -4.12
C GLY A 122 -2.57 20.63 -4.47
N VAL A 123 -2.91 19.78 -3.51
CA VAL A 123 -3.17 18.38 -3.86
C VAL A 123 -4.57 17.95 -3.41
N GLY A 124 -5.54 18.87 -3.46
CA GLY A 124 -6.87 18.57 -2.94
C GLY A 124 -7.59 17.46 -3.67
N ALA A 125 -7.49 17.44 -5.01
CA ALA A 125 -8.30 16.50 -5.78
C ALA A 125 -7.93 15.04 -5.47
N ILE A 126 -6.63 14.73 -5.47
CA ILE A 126 -6.24 13.34 -5.22
C ILE A 126 -6.46 13.00 -3.75
N PHE A 127 -6.27 13.96 -2.86
CA PHE A 127 -6.54 13.72 -1.45
C PHE A 127 -8.01 13.34 -1.22
N ASP A 128 -8.93 14.08 -1.85
CA ASP A 128 -10.35 13.75 -1.75
C ASP A 128 -10.64 12.37 -2.30
N ARG A 129 -9.94 11.95 -3.35
CA ARG A 129 -10.15 10.61 -3.88
C ARG A 129 -9.76 9.55 -2.85
N VAL A 130 -8.65 9.77 -2.13
CA VAL A 130 -8.25 8.84 -1.07
C VAL A 130 -9.34 8.75 -0.01
N LEU A 131 -9.85 9.91 0.43
CA LEU A 131 -10.89 9.91 1.46
C LEU A 131 -12.15 9.21 0.98
N THR A 132 -12.58 9.49 -0.25
CA THR A 132 -13.88 9.00 -0.72
C THR A 132 -13.82 7.56 -1.20
N GLU A 133 -12.79 7.19 -1.95
CA GLU A 133 -12.73 5.87 -2.56
C GLU A 133 -12.05 4.84 -1.67
N LEU A 134 -11.22 5.26 -0.72
CA LEU A 134 -10.52 4.29 0.14
C LEU A 134 -10.93 4.44 1.60
N VAL A 135 -10.60 5.55 2.26
CA VAL A 135 -10.79 5.65 3.72
C VAL A 135 -12.25 5.43 4.09
N SER A 136 -13.16 6.19 3.47
CA SER A 136 -14.57 6.10 3.84
CA SER A 136 -14.57 6.10 3.84
C SER A 136 -15.14 4.73 3.56
N LYS A 137 -14.68 4.09 2.49
CA LYS A 137 -15.16 2.76 2.14
C LYS A 137 -14.58 1.70 3.08
N MET A 138 -13.32 1.85 3.48
CA MET A 138 -12.77 0.98 4.52
C MET A 138 -13.53 1.17 5.83
N ARG A 139 -13.84 2.41 6.18
CA ARG A 139 -14.59 2.68 7.40
C ARG A 139 -16.00 2.10 7.31
N ASP A 140 -16.68 2.30 6.18
CA ASP A 140 -18.09 1.88 6.08
C ASP A 140 -18.23 0.36 6.20
N MET A 141 -17.35 -0.40 5.57
CA MET A 141 -17.44 -1.85 5.68
C MET A 141 -16.68 -2.40 6.88
N GLN A 142 -16.05 -1.53 7.69
CA GLN A 142 -15.20 -1.94 8.79
C GLN A 142 -14.20 -3.01 8.35
N MET A 143 -13.45 -2.71 7.30
CA MET A 143 -12.36 -3.57 6.90
C MET A 143 -11.44 -3.82 8.09
N ASP A 144 -11.11 -5.09 8.34
CA ASP A 144 -10.25 -5.39 9.47
C ASP A 144 -8.82 -5.63 8.99
N LYS A 145 -7.91 -5.83 9.97
CA LYS A 145 -6.49 -5.83 9.65
C LYS A 145 -6.05 -7.10 8.93
N THR A 146 -6.75 -8.22 9.14
CA THR A 146 -6.45 -9.40 8.35
C THR A 146 -6.80 -9.16 6.88
N GLU A 147 -7.94 -8.52 6.63
CA GLU A 147 -8.35 -8.23 5.26
C GLU A 147 -7.40 -7.23 4.60
N LEU A 148 -7.03 -6.19 5.34
CA LEU A 148 -6.05 -5.23 4.80
C LEU A 148 -4.74 -5.95 4.44
N GLY A 149 -4.24 -6.78 5.35
CA GLY A 149 -3.00 -7.50 5.07
C GLY A 149 -3.09 -8.40 3.84
N CYS A 150 -4.22 -9.08 3.69
CA CYS A 150 -4.41 -9.94 2.51
C CYS A 150 -4.49 -9.11 1.24
N LEU A 151 -5.23 -7.98 1.28
CA LEU A 151 -5.28 -7.13 0.09
C LEU A 151 -3.90 -6.64 -0.28
N ARG A 152 -3.11 -6.25 0.72
CA ARG A 152 -1.74 -5.81 0.44
C ARG A 152 -0.87 -6.94 -0.09
N ALA A 153 -1.02 -8.15 0.44
CA ALA A 153 -0.22 -9.24 -0.11
C ALA A 153 -0.62 -9.56 -1.56
N ILE A 154 -1.91 -9.40 -1.90
CA ILE A 154 -2.33 -9.57 -3.28
C ILE A 154 -1.64 -8.53 -4.17
N VAL A 155 -1.62 -7.27 -3.70
CA VAL A 155 -0.94 -6.20 -4.43
C VAL A 155 0.54 -6.50 -4.55
N LEU A 156 1.17 -6.98 -3.47
CA LEU A 156 2.59 -7.30 -3.48
C LEU A 156 2.91 -8.35 -4.53
N PHE A 157 2.14 -9.44 -4.55
CA PHE A 157 2.34 -10.53 -5.50
C PHE A 157 1.65 -10.18 -6.81
N ASN A 158 2.20 -9.18 -7.50
CA ASN A 158 1.64 -8.69 -8.75
C ASN A 158 2.34 -9.39 -9.92
N PRO A 159 1.73 -10.41 -10.54
CA PRO A 159 2.44 -11.14 -11.59
C PRO A 159 2.54 -10.38 -12.90
N ASP A 160 1.88 -9.21 -13.03
CA ASP A 160 2.07 -8.40 -14.23
C ASP A 160 3.31 -7.50 -14.18
N SER A 161 3.99 -7.42 -13.03
CA SER A 161 5.17 -6.57 -12.91
C SER A 161 6.21 -6.95 -13.96
N LYS A 162 6.69 -5.95 -14.70
CA LYS A 162 7.56 -6.23 -15.83
C LYS A 162 8.92 -6.72 -15.34
N GLY A 163 9.47 -7.71 -16.04
CA GLY A 163 10.81 -8.19 -15.77
C GLY A 163 10.90 -9.34 -14.80
N LEU A 164 9.79 -9.77 -14.20
CA LEU A 164 9.81 -10.92 -13.29
C LEU A 164 10.42 -12.14 -13.96
N SER A 165 11.25 -12.86 -13.19
CA SER A 165 11.89 -14.04 -13.75
C SER A 165 10.93 -15.22 -13.86
N ASN A 166 9.91 -15.29 -13.01
CA ASN A 166 8.91 -16.34 -13.08
C ASN A 166 7.55 -15.77 -12.69
N PRO A 167 6.84 -15.16 -13.64
CA PRO A 167 5.52 -14.62 -13.33
C PRO A 167 4.55 -15.66 -12.78
N ALA A 168 4.64 -16.91 -13.24
CA ALA A 168 3.68 -17.93 -12.81
C ALA A 168 3.77 -18.21 -11.32
N GLU A 169 4.99 -18.20 -10.76
CA GLU A 169 5.15 -18.41 -9.32
C GLU A 169 4.55 -17.26 -8.51
N VAL A 170 4.64 -16.03 -9.03
CA VAL A 170 4.02 -14.90 -8.35
C VAL A 170 2.51 -14.98 -8.43
N GLU A 171 1.96 -15.35 -9.60
CA GLU A 171 0.52 -15.52 -9.71
C GLU A 171 0.04 -16.64 -8.78
N ALA A 172 0.83 -17.71 -8.65
CA ALA A 172 0.45 -18.80 -7.74
C ALA A 172 0.39 -18.32 -6.30
N LEU A 173 1.34 -17.48 -5.89
CA LEU A 173 1.30 -16.93 -4.54
C LEU A 173 0.12 -16.00 -4.36
N ARG A 174 -0.17 -15.16 -5.38
CA ARG A 174 -1.37 -14.33 -5.32
C ARG A 174 -2.62 -15.19 -5.13
N GLU A 175 -2.72 -16.30 -5.86
CA GLU A 175 -3.90 -17.15 -5.76
C GLU A 175 -4.03 -17.78 -4.37
N LYS A 176 -2.89 -18.14 -3.75
CA LYS A 176 -2.95 -18.65 -2.38
C LYS A 176 -3.45 -17.60 -1.41
N VAL A 177 -3.05 -16.34 -1.61
CA VAL A 177 -3.53 -15.28 -0.72
C VAL A 177 -5.04 -15.11 -0.85
N TYR A 178 -5.54 -15.00 -2.09
CA TYR A 178 -6.96 -14.69 -2.13
C TYR A 178 -7.82 -15.90 -1.82
N ALA A 179 -7.30 -17.12 -2.01
CA ALA A 179 -8.01 -18.29 -1.48
C ALA A 179 -8.13 -18.21 0.04
N SER A 180 -7.05 -17.85 0.73
CA SER A 180 -7.09 -17.74 2.19
C SER A 180 -7.98 -16.58 2.64
N LEU A 181 -7.92 -15.44 1.93
CA LEU A 181 -8.78 -14.31 2.27
C LEU A 181 -10.25 -14.68 2.15
N GLU A 182 -10.63 -15.38 1.08
CA GLU A 182 -12.04 -15.72 0.88
C GLU A 182 -12.55 -16.63 1.99
N ALA A 183 -11.77 -17.65 2.34
CA ALA A 183 -12.17 -18.53 3.44
C ALA A 183 -12.33 -17.74 4.74
N TYR A 184 -11.40 -16.81 5.00
CA TYR A 184 -11.48 -15.98 6.19
C TYR A 184 -12.74 -15.13 6.21
N CYS A 185 -13.04 -14.46 5.08
CA CYS A 185 -14.25 -13.62 5.03
C CYS A 185 -15.50 -14.46 5.26
N LYS A 186 -15.60 -15.61 4.60
CA LYS A 186 -16.80 -16.44 4.69
C LYS A 186 -17.01 -16.97 6.11
N HIS A 187 -15.91 -17.20 6.83
CA HIS A 187 -16.02 -17.71 8.21
C HIS A 187 -16.34 -16.60 9.19
N LYS A 188 -15.64 -15.46 9.10
CA LYS A 188 -15.82 -14.40 10.08
C LYS A 188 -17.04 -13.54 9.78
N TYR A 189 -17.41 -13.37 8.51
CA TYR A 189 -18.54 -12.52 8.11
C TYR A 189 -19.52 -13.33 7.26
N PRO A 190 -20.11 -14.38 7.82
CA PRO A 190 -21.00 -15.23 7.00
C PRO A 190 -22.23 -14.51 6.52
N GLU A 191 -22.64 -13.42 7.18
CA GLU A 191 -23.82 -12.69 6.74
C GLU A 191 -23.55 -11.80 5.54
N GLN A 192 -22.30 -11.70 5.09
CA GLN A 192 -21.91 -10.84 3.97
C GLN A 192 -21.25 -11.68 2.90
N PRO A 193 -22.02 -12.44 2.10
CA PRO A 193 -21.39 -13.28 1.08
C PRO A 193 -20.64 -12.48 0.03
N GLY A 194 -21.01 -11.22 -0.19
CA GLY A 194 -20.31 -10.40 -1.16
C GLY A 194 -19.07 -9.70 -0.62
N ARG A 195 -18.70 -9.94 0.64
CA ARG A 195 -17.64 -9.14 1.25
C ARG A 195 -16.29 -9.39 0.56
N PHE A 196 -16.02 -10.64 0.17
CA PHE A 196 -14.74 -10.97 -0.48
C PHE A 196 -14.57 -10.18 -1.78
N ALA A 197 -15.57 -10.25 -2.66
CA ALA A 197 -15.56 -9.47 -3.90
C ALA A 197 -15.51 -7.97 -3.63
N LYS A 198 -16.23 -7.50 -2.61
CA LYS A 198 -16.20 -6.07 -2.27
C LYS A 198 -14.79 -5.62 -1.91
N LEU A 199 -14.03 -6.45 -1.18
CA LEU A 199 -12.63 -6.14 -0.89
C LEU A 199 -11.82 -6.03 -2.16
N LEU A 200 -11.90 -7.04 -3.03
CA LEU A 200 -11.08 -7.04 -4.24
C LEU A 200 -11.43 -5.87 -5.15
N LEU A 201 -12.67 -5.40 -5.12
CA LEU A 201 -13.10 -4.33 -6.02
C LEU A 201 -12.71 -2.96 -5.51
N ARG A 202 -11.96 -2.87 -4.41
CA ARG A 202 -11.26 -1.63 -4.09
C ARG A 202 -9.91 -1.52 -4.79
N LEU A 203 -9.41 -2.61 -5.40
CA LEU A 203 -8.07 -2.59 -5.98
C LEU A 203 -8.00 -1.75 -7.25
N PRO A 204 -9.04 -1.67 -8.11
CA PRO A 204 -8.92 -0.73 -9.24
C PRO A 204 -8.77 0.71 -8.77
N ALA A 205 -9.57 1.14 -7.79
CA ALA A 205 -9.40 2.48 -7.24
C ALA A 205 -8.00 2.68 -6.68
N LEU A 206 -7.48 1.68 -5.94
CA LEU A 206 -6.15 1.80 -5.37
C LEU A 206 -5.11 2.00 -6.46
N ARG A 207 -5.26 1.25 -7.56
CA ARG A 207 -4.36 1.36 -8.70
C ARG A 207 -4.40 2.77 -9.30
N SER A 208 -5.61 3.28 -9.54
CA SER A 208 -5.75 4.61 -10.13
CA SER A 208 -5.81 4.62 -10.10
C SER A 208 -5.17 5.68 -9.23
N ILE A 209 -5.49 5.65 -7.93
CA ILE A 209 -4.97 6.63 -6.99
C ILE A 209 -3.45 6.52 -6.90
N GLY A 210 -2.94 5.30 -6.92
CA GLY A 210 -1.49 5.11 -6.87
C GLY A 210 -0.79 5.72 -8.07
N LEU A 211 -1.36 5.54 -9.26
CA LEU A 211 -0.75 6.10 -10.47
C LEU A 211 -0.73 7.62 -10.40
N LYS A 212 -1.83 8.22 -9.94
CA LYS A 212 -1.88 9.68 -9.83
C LYS A 212 -0.90 10.17 -8.76
N CYS A 213 -0.75 9.42 -7.67
CA CYS A 213 0.24 9.77 -6.66
CA CYS A 213 0.24 9.78 -6.66
C CYS A 213 1.64 9.78 -7.25
N LEU A 214 1.97 8.77 -8.05
CA LEU A 214 3.28 8.73 -8.69
C LEU A 214 3.49 9.93 -9.62
N GLU A 215 2.46 10.32 -10.37
CA GLU A 215 2.63 11.47 -11.26
C GLU A 215 2.93 12.74 -10.47
N HIS A 216 2.20 12.99 -9.37
CA HIS A 216 2.53 14.12 -8.50
C HIS A 216 3.97 14.05 -8.03
N LEU A 217 4.39 12.88 -7.54
CA LEU A 217 5.74 12.75 -7.00
C LEU A 217 6.80 13.03 -8.05
N PHE A 218 6.64 12.50 -9.27
CA PHE A 218 7.63 12.81 -10.31
C PHE A 218 7.66 14.29 -10.61
N PHE A 219 6.52 14.97 -10.50
CA PHE A 219 6.47 16.41 -10.73
C PHE A 219 7.16 17.17 -9.59
N PHE A 220 6.89 16.79 -8.33
CA PHE A 220 7.61 17.40 -7.20
C PHE A 220 9.11 17.26 -7.39
N LYS A 221 9.55 16.06 -7.78
CA LYS A 221 10.97 15.82 -8.00
C LYS A 221 11.51 16.73 -9.10
N LEU A 222 10.77 16.86 -10.18
CA LEU A 222 11.19 17.72 -11.28
C LEU A 222 11.33 19.18 -10.84
N ILE A 223 10.33 19.70 -10.12
CA ILE A 223 10.32 21.12 -9.75
C ILE A 223 11.46 21.44 -8.78
N GLY A 224 11.72 20.53 -7.85
CA GLY A 224 12.83 20.72 -6.92
C GLY A 224 12.52 21.54 -5.69
N ASP A 225 11.26 21.87 -5.44
CA ASP A 225 10.89 22.71 -4.30
C ASP A 225 10.40 21.91 -3.10
N THR A 226 10.52 20.59 -3.14
CA THR A 226 9.96 19.72 -2.11
C THR A 226 11.05 18.76 -1.66
N PRO A 227 11.43 18.75 -0.39
CA PRO A 227 12.44 17.78 0.07
C PRO A 227 11.92 16.37 -0.10
N ILE A 228 12.75 15.52 -0.71
CA ILE A 228 12.43 14.11 -0.89
C ILE A 228 13.62 13.30 -0.33
N ASP A 229 13.35 12.46 0.67
CA ASP A 229 14.40 11.72 1.37
C ASP A 229 14.89 10.54 0.52
N THR A 230 15.92 9.84 1.02
CA THR A 230 16.75 9.00 0.14
C THR A 230 15.99 7.79 -0.42
N PHE A 231 15.14 7.15 0.39
CA PHE A 231 14.49 5.93 -0.08
C PHE A 231 13.33 6.26 -1.01
N LEU A 232 12.53 7.28 -0.65
CA LEU A 232 11.51 7.75 -1.59
C LEU A 232 12.16 8.20 -2.90
N MET A 233 13.27 8.92 -2.82
CA MET A 233 13.95 9.36 -4.05
C MET A 233 14.41 8.17 -4.88
N GLU A 234 14.97 7.15 -4.23
CA GLU A 234 15.39 5.96 -4.96
C GLU A 234 14.21 5.30 -5.70
N MET A 235 13.05 5.23 -5.04
CA MET A 235 11.86 4.66 -5.69
C MET A 235 11.45 5.46 -6.93
N LEU A 236 11.82 6.73 -6.99
CA LEU A 236 11.50 7.58 -8.12
C LEU A 236 12.56 7.56 -9.21
N GLU A 237 13.64 6.81 -9.02
CA GLU A 237 14.65 6.64 -10.07
C GLU A 237 14.18 5.62 -11.11
N ALA A 238 14.81 5.68 -12.27
CA ALA A 238 14.52 4.76 -13.38
C ALA A 238 14.74 3.31 -12.99
N HIS B 1 18.30 1.31 -6.81
CA HIS B 1 17.84 0.13 -6.09
C HIS B 1 18.83 -0.22 -4.98
N LYS B 2 19.73 0.72 -4.69
CA LYS B 2 20.80 0.46 -3.74
C LYS B 2 20.27 0.21 -2.33
N ILE B 3 19.42 1.12 -1.82
CA ILE B 3 18.88 0.97 -0.46
C ILE B 3 17.99 -0.26 -0.38
N LEU B 4 17.16 -0.47 -1.40
CA LEU B 4 16.24 -1.61 -1.39
C LEU B 4 17.01 -2.93 -1.32
N HIS B 5 18.03 -3.12 -2.16
CA HIS B 5 18.85 -4.33 -2.10
C HIS B 5 19.44 -4.53 -0.71
N ARG B 6 20.03 -3.48 -0.14
CA ARG B 6 20.66 -3.62 1.17
C ARG B 6 19.66 -4.06 2.21
N LEU B 7 18.44 -3.52 2.16
CA LEU B 7 17.44 -3.86 3.18
C LEU B 7 16.89 -5.27 2.98
N LEU B 8 16.87 -5.79 1.76
CA LEU B 8 16.36 -7.13 1.52
C LEU B 8 17.31 -8.23 1.95
N GLN B 9 18.60 -7.94 2.11
CA GLN B 9 19.59 -9.00 2.41
C GLN B 9 19.34 -9.63 3.77
OAZ 9HF C . 2.21 5.86 6.00
CAY 9HF C . 2.02 7.06 5.74
OBA 9HF C . 1.79 7.86 6.68
CAX 9HF C . 2.03 7.52 4.41
CAV 9HF C . 2.56 6.79 3.33
CAW 9HF C . 1.48 8.76 4.12
CAU 9HF C . 1.48 9.22 2.79
CAR 9HF C . 1.99 8.49 1.81
CAS 9HF C . 2.52 7.28 2.07
NAN 9HF C . 2.94 6.79 0.90
NAM 9HF C . 2.68 7.65 -0.05
NAL 9HF C . 2.10 8.72 0.48
CAK 9HF C . 1.69 9.80 -0.23
CAJ 9HF C . 0.36 10.25 -0.22
CAI 9HF C . -0.06 11.38 -0.96
CAP 9HF C . -1.43 11.79 -0.89
CAQ 9HF C . -2.33 10.93 -1.77
CAT 9HF C . -1.95 11.67 0.55
CAO 9HF C . -1.59 13.24 -1.31
CAH 9HF C . -0.94 13.41 -2.67
CAD 9HF C . 0.56 13.25 -2.50
CAC 9HF C . 1.23 13.19 -3.87
CAA 9HF C . 1.15 14.45 -1.77
CAE 9HF C . 0.87 12.07 -1.75
CAF 9HF C . 2.20 11.64 -1.75
CAG 9HF C . 2.62 10.53 -1.01
CAB 9HF C . 3.98 10.16 -1.07
CA CA D . -1.47 11.99 -16.29
#